data_4RT4
#
_entry.id   4RT4
#
_cell.length_a   75.229
_cell.length_b   75.229
_cell.length_c   105.758
_cell.angle_alpha   90.00
_cell.angle_beta   90.00
_cell.angle_gamma   120.00
#
_symmetry.space_group_name_H-M   'P 61'
#
loop_
_entity.id
_entity.type
_entity.pdbx_description
1 polymer 'Protein dpy-30 homolog'
2 polymer 'Peptide from COMPASS component BRE2'
3 water water
#
loop_
_entity_poly.entity_id
_entity_poly.type
_entity_poly.pdbx_seq_one_letter_code
_entity_poly.pdbx_strand_id
1 'polypeptide(L)' SSKQKVDLQSLPTRAYLDQTVVPILLQGLAVLAKERPPNPIEFLASYLLKNKAQFEDRNLERPHRD A,B,C,D
2 'polypeptide(L)' NTLDTLYKEQIAEDIVWDIIDELEQIALQQ E
#
# COMPACT_ATOMS: atom_id res chain seq x y z
N ASP A 7 -18.86 9.37 -3.96
CA ASP A 7 -19.24 8.19 -4.73
C ASP A 7 -18.03 7.61 -5.48
N LEU A 8 -17.77 6.32 -5.25
CA LEU A 8 -16.62 5.63 -5.82
C LEU A 8 -16.60 5.67 -7.35
N GLN A 9 -17.79 5.61 -7.95
CA GLN A 9 -17.92 5.48 -9.40
C GLN A 9 -17.35 6.66 -10.19
N SER A 10 -17.25 7.82 -9.55
CA SER A 10 -16.85 9.02 -10.26
C SER A 10 -15.44 9.49 -9.89
N LEU A 11 -14.81 8.80 -8.93
CA LEU A 11 -13.44 9.11 -8.56
C LEU A 11 -12.49 8.99 -9.75
N PRO A 12 -11.40 9.77 -9.73
CA PRO A 12 -10.31 9.56 -10.68
C PRO A 12 -9.72 8.17 -10.50
N THR A 13 -9.04 7.67 -11.54
CA THR A 13 -8.51 6.31 -11.57
C THR A 13 -7.67 5.95 -10.34
N ARG A 14 -6.70 6.81 -10.02
CA ARG A 14 -5.80 6.49 -8.91
C ARG A 14 -6.56 6.38 -7.58
N ALA A 15 -7.41 7.36 -7.26
CA ALA A 15 -8.17 7.31 -6.03
C ALA A 15 -9.11 6.10 -6.03
N TYR A 16 -9.71 5.80 -7.18
CA TYR A 16 -10.62 4.66 -7.27
C TYR A 16 -9.89 3.36 -6.91
N LEU A 17 -8.71 3.19 -7.49
CA LEU A 17 -7.93 1.97 -7.24
C LEU A 17 -7.41 1.95 -5.81
N ASP A 18 -6.91 3.08 -5.33
CA ASP A 18 -6.42 3.18 -3.96
C ASP A 18 -7.49 2.79 -2.94
N GLN A 19 -8.74 3.10 -3.26
CA GLN A 19 -9.83 2.88 -2.29
C GLN A 19 -10.53 1.54 -2.47
N THR A 20 -10.13 0.78 -3.49
CA THR A 20 -10.78 -0.51 -3.69
C THR A 20 -9.82 -1.70 -3.55
N VAL A 21 -8.77 -1.73 -4.36
CA VAL A 21 -7.94 -2.94 -4.43
C VAL A 21 -6.50 -2.74 -4.00
N VAL A 22 -6.03 -1.50 -3.91
CA VAL A 22 -4.62 -1.32 -3.56
C VAL A 22 -4.24 -1.90 -2.17
N PRO A 23 -5.06 -1.66 -1.13
CA PRO A 23 -4.59 -2.17 0.15
C PRO A 23 -4.45 -3.69 0.22
N ILE A 24 -5.39 -4.44 -0.35
CA ILE A 24 -5.27 -5.89 -0.28
C ILE A 24 -4.19 -6.37 -1.26
N LEU A 25 -4.04 -5.67 -2.37
N LEU A 25 -4.06 -5.68 -2.38
CA LEU A 25 -3.01 -5.99 -3.35
CA LEU A 25 -3.08 -6.04 -3.40
C LEU A 25 -1.58 -5.86 -2.79
C LEU A 25 -1.66 -5.86 -2.87
N LEU A 26 -1.32 -4.78 -2.05
N LEU A 26 -1.45 -4.82 -2.07
CA LEU A 26 -0.03 -4.61 -1.38
CA LEU A 26 -0.17 -4.58 -1.39
C LEU A 26 0.31 -5.78 -0.47
C LEU A 26 0.24 -5.77 -0.53
N GLN A 27 -0.66 -6.21 0.33
CA GLN A 27 -0.41 -7.35 1.21
C GLN A 27 -0.23 -8.64 0.38
N GLY A 28 -1.09 -8.82 -0.64
CA GLY A 28 -0.99 -10.02 -1.48
C GLY A 28 0.34 -10.14 -2.20
N LEU A 29 0.83 -9.02 -2.74
CA LEU A 29 2.11 -9.02 -3.44
C LEU A 29 3.29 -9.27 -2.49
N ALA A 30 3.19 -8.74 -1.26
CA ALA A 30 4.20 -8.99 -0.24
C ALA A 30 4.27 -10.47 0.11
N VAL A 31 3.10 -11.09 0.28
CA VAL A 31 3.05 -12.50 0.65
C VAL A 31 3.58 -13.35 -0.50
N LEU A 32 3.15 -13.02 -1.72
CA LEU A 32 3.61 -13.72 -2.91
C LEU A 32 5.13 -13.66 -3.02
N ALA A 33 5.69 -12.47 -2.84
CA ALA A 33 7.14 -12.28 -2.95
C ALA A 33 7.91 -13.08 -1.90
N LYS A 34 7.29 -13.27 -0.73
CA LYS A 34 7.93 -13.99 0.36
C LYS A 34 7.87 -15.49 0.14
N GLU A 35 6.74 -15.97 -0.36
CA GLU A 35 6.52 -17.41 -0.43
C GLU A 35 6.93 -18.02 -1.75
N ARG A 36 6.91 -17.23 -2.82
CA ARG A 36 7.30 -17.69 -4.15
C ARG A 36 6.70 -19.06 -4.51
N PRO A 37 5.36 -19.16 -4.50
CA PRO A 37 4.68 -20.44 -4.76
C PRO A 37 4.79 -20.80 -6.25
N PRO A 38 4.58 -22.07 -6.59
CA PRO A 38 4.67 -22.57 -7.98
C PRO A 38 3.76 -21.91 -9.02
N ASN A 39 2.54 -21.52 -8.61
N ASN A 39 2.56 -21.48 -8.59
CA ASN A 39 1.60 -20.89 -9.54
CA ASN A 39 1.59 -20.89 -9.49
C ASN A 39 1.18 -19.52 -9.01
C ASN A 39 1.16 -19.51 -9.00
N PRO A 40 2.04 -18.52 -9.19
CA PRO A 40 1.86 -17.18 -8.61
C PRO A 40 0.57 -16.47 -8.98
N ILE A 41 0.08 -16.61 -10.21
CA ILE A 41 -1.14 -15.90 -10.55
C ILE A 41 -2.31 -16.53 -9.79
N GLU A 42 -2.37 -17.85 -9.80
CA GLU A 42 -3.38 -18.56 -9.03
C GLU A 42 -3.28 -18.19 -7.55
N PHE A 43 -2.06 -18.16 -7.03
CA PHE A 43 -1.86 -17.83 -5.63
C PHE A 43 -2.41 -16.45 -5.30
N LEU A 44 -2.11 -15.49 -6.17
CA LEU A 44 -2.50 -14.12 -5.88
C LEU A 44 -4.02 -13.95 -5.93
N ALA A 45 -4.65 -14.58 -6.91
CA ALA A 45 -6.11 -14.51 -6.99
C ALA A 45 -6.73 -15.19 -5.79
N SER A 46 -6.19 -16.33 -5.39
CA SER A 46 -6.66 -17.00 -4.19
C SER A 46 -6.53 -16.11 -2.98
N TYR A 47 -5.40 -15.40 -2.90
CA TYR A 47 -5.15 -14.52 -1.77
C TYR A 47 -6.24 -13.43 -1.69
N LEU A 48 -6.59 -12.87 -2.83
CA LEU A 48 -7.64 -11.85 -2.89
C LEU A 48 -8.97 -12.37 -2.37
N LEU A 49 -9.36 -13.53 -2.86
CA LEU A 49 -10.65 -14.11 -2.47
C LEU A 49 -10.68 -14.53 -1.02
N LYS A 50 -9.55 -15.02 -0.52
N LYS A 50 -9.55 -15.03 -0.52
CA LYS A 50 -9.47 -15.52 0.85
CA LYS A 50 -9.47 -15.51 0.86
C LYS A 50 -9.42 -14.39 1.88
C LYS A 50 -9.46 -14.37 1.87
N ASN A 51 -8.93 -13.22 1.48
CA ASN A 51 -8.78 -12.12 2.42
C ASN A 51 -9.72 -10.94 2.15
N LYS A 52 -10.57 -11.10 1.15
CA LYS A 52 -11.48 -10.04 0.71
C LYS A 52 -12.32 -9.48 1.86
N ALA A 53 -12.84 -10.37 2.69
CA ALA A 53 -13.71 -9.97 3.81
C ALA A 53 -13.03 -9.01 4.78
N GLN A 54 -11.69 -9.04 4.82
CA GLN A 54 -10.94 -8.18 5.72
C GLN A 54 -10.68 -6.79 5.14
N PHE A 55 -11.05 -6.58 3.88
CA PHE A 55 -10.64 -5.37 3.18
C PHE A 55 -11.78 -4.60 2.50
N GLU A 56 -12.98 -5.15 2.55
CA GLU A 56 -14.09 -4.48 1.89
C GLU A 56 -15.05 -3.89 2.91
N ASP B 7 16.89 -19.19 -11.98
CA ASP B 7 15.47 -19.49 -11.81
C ASP B 7 14.75 -18.38 -11.05
N LEU B 8 13.41 -18.44 -11.07
CA LEU B 8 12.58 -17.39 -10.48
C LEU B 8 12.80 -17.21 -8.98
N GLN B 9 13.02 -18.32 -8.26
CA GLN B 9 13.09 -18.28 -6.81
C GLN B 9 14.25 -17.44 -6.27
N SER B 10 15.28 -17.24 -7.09
CA SER B 10 16.46 -16.52 -6.64
C SER B 10 16.42 -15.05 -7.05
N LEU B 11 15.48 -14.69 -7.92
CA LEU B 11 15.36 -13.31 -8.38
C LEU B 11 15.08 -12.35 -7.23
N PRO B 12 15.58 -11.12 -7.34
CA PRO B 12 15.15 -10.10 -6.38
C PRO B 12 13.64 -9.85 -6.51
N THR B 13 13.06 -9.22 -5.51
CA THR B 13 11.60 -9.06 -5.40
C THR B 13 10.98 -8.41 -6.64
N ARG B 14 11.56 -7.29 -7.08
N ARG B 14 11.55 -7.27 -7.06
CA ARG B 14 10.98 -6.57 -8.21
CA ARG B 14 11.06 -6.55 -8.22
C ARG B 14 10.98 -7.41 -9.50
C ARG B 14 10.98 -7.44 -9.45
N ALA B 15 12.12 -8.03 -9.82
CA ALA B 15 12.19 -8.90 -10.99
C ALA B 15 11.22 -10.08 -10.86
N TYR B 16 11.14 -10.67 -9.67
CA TYR B 16 10.24 -11.80 -9.48
C TYR B 16 8.79 -11.38 -9.79
N LEU B 17 8.37 -10.26 -9.24
CA LEU B 17 6.98 -9.82 -9.45
C LEU B 17 6.76 -9.40 -10.91
N ASP B 18 7.74 -8.69 -11.48
CA ASP B 18 7.66 -8.26 -12.87
C ASP B 18 7.50 -9.44 -13.82
N GLN B 19 8.12 -10.58 -13.47
CA GLN B 19 8.13 -11.75 -14.36
C GLN B 19 7.01 -12.75 -14.04
N THR B 20 6.19 -12.46 -13.04
CA THR B 20 5.12 -13.38 -12.70
C THR B 20 3.73 -12.73 -12.81
N VAL B 21 3.48 -11.67 -12.05
CA VAL B 21 2.10 -11.16 -11.96
C VAL B 21 1.91 -9.74 -12.48
N VAL B 22 2.98 -8.99 -12.64
CA VAL B 22 2.81 -7.59 -13.07
C VAL B 22 2.10 -7.47 -14.45
N PRO B 23 2.47 -8.29 -15.45
CA PRO B 23 1.79 -8.03 -16.72
C PRO B 23 0.30 -8.26 -16.70
N ILE B 24 -0.15 -9.30 -16.01
CA ILE B 24 -1.59 -9.55 -15.99
C ILE B 24 -2.28 -8.57 -15.04
N LEU B 25 -1.58 -8.15 -13.98
N LEU B 25 -1.58 -8.19 -13.97
CA LEU B 25 -2.11 -7.14 -13.07
CA LEU B 25 -2.14 -7.26 -12.99
C LEU B 25 -2.37 -5.80 -13.76
C LEU B 25 -2.34 -5.87 -13.58
N LEU B 26 -1.37 -5.31 -14.51
N LEU B 26 -1.42 -5.46 -14.46
CA LEU B 26 -1.55 -4.09 -15.31
CA LEU B 26 -1.58 -4.21 -15.20
C LEU B 26 -2.82 -4.11 -16.15
C LEU B 26 -2.84 -4.16 -16.05
N GLN B 27 -3.05 -5.22 -16.83
CA GLN B 27 -4.25 -5.32 -17.65
C GLN B 27 -5.50 -5.42 -16.77
N GLY B 28 -5.44 -6.19 -15.69
CA GLY B 28 -6.59 -6.35 -14.81
C GLY B 28 -7.01 -5.04 -14.15
N LEU B 29 -6.01 -4.26 -13.73
N LEU B 29 -6.01 -4.27 -13.72
CA LEU B 29 -6.27 -2.98 -13.08
CA LEU B 29 -6.23 -2.98 -13.09
C LEU B 29 -6.86 -1.98 -14.07
C LEU B 29 -6.84 -1.97 -14.06
N ALA B 30 -6.39 -2.02 -15.31
CA ALA B 30 -6.92 -1.17 -16.37
C ALA B 30 -8.39 -1.46 -16.61
N VAL B 31 -8.71 -2.75 -16.69
CA VAL B 31 -10.09 -3.14 -16.94
C VAL B 31 -10.95 -2.76 -15.74
N LEU B 32 -10.44 -3.02 -14.54
CA LEU B 32 -11.17 -2.66 -13.32
C LEU B 32 -11.51 -1.17 -13.30
N ALA B 33 -10.52 -0.34 -13.60
CA ALA B 33 -10.68 1.12 -13.62
C ALA B 33 -11.73 1.58 -14.63
N LYS B 34 -11.77 0.90 -15.77
CA LYS B 34 -12.71 1.28 -16.82
C LYS B 34 -14.13 0.85 -16.47
N GLU B 35 -14.26 -0.33 -15.89
CA GLU B 35 -15.59 -0.90 -15.72
C GLU B 35 -16.21 -0.56 -14.38
N ARG B 36 -15.37 -0.32 -13.37
CA ARG B 36 -15.85 0.02 -12.02
C ARG B 36 -16.99 -0.88 -11.56
N PRO B 37 -16.75 -2.19 -11.50
CA PRO B 37 -17.80 -3.14 -11.12
C PRO B 37 -18.14 -3.03 -9.63
N PRO B 38 -19.32 -3.52 -9.23
CA PRO B 38 -19.80 -3.49 -7.84
C PRO B 38 -18.88 -4.15 -6.79
N ASN B 39 -18.18 -5.22 -7.14
CA ASN B 39 -17.34 -5.94 -6.19
C ASN B 39 -15.92 -6.03 -6.74
N PRO B 40 -15.17 -4.93 -6.61
CA PRO B 40 -13.89 -4.81 -7.34
C PRO B 40 -12.83 -5.86 -6.99
N ILE B 41 -12.80 -6.32 -5.74
CA ILE B 41 -11.77 -7.30 -5.36
C ILE B 41 -12.10 -8.63 -6.01
N GLU B 42 -13.36 -9.03 -5.92
CA GLU B 42 -13.85 -10.24 -6.60
C GLU B 42 -13.59 -10.15 -8.11
N PHE B 43 -13.93 -9.01 -8.70
CA PHE B 43 -13.73 -8.84 -10.12
C PHE B 43 -12.27 -9.02 -10.51
N LEU B 44 -11.39 -8.45 -9.72
CA LEU B 44 -9.96 -8.53 -10.03
C LEU B 44 -9.44 -9.96 -9.90
N ALA B 45 -9.84 -10.66 -8.85
CA ALA B 45 -9.44 -12.07 -8.72
C ALA B 45 -10.00 -12.91 -9.87
N SER B 46 -11.25 -12.67 -10.24
CA SER B 46 -11.82 -13.41 -11.37
C SER B 46 -11.06 -13.10 -12.66
N TYR B 47 -10.66 -11.84 -12.82
CA TYR B 47 -9.93 -11.44 -14.00
C TYR B 47 -8.63 -12.23 -14.11
N LEU B 48 -7.91 -12.34 -13.00
CA LEU B 48 -6.66 -13.10 -12.96
C LEU B 48 -6.89 -14.57 -13.35
N LEU B 49 -7.88 -15.20 -12.74
CA LEU B 49 -8.14 -16.61 -13.05
C LEU B 49 -8.61 -16.80 -14.48
N LYS B 50 -9.39 -15.86 -14.99
CA LYS B 50 -9.93 -16.01 -16.33
C LYS B 50 -8.87 -15.79 -17.41
N ASN B 51 -7.87 -14.97 -17.11
CA ASN B 51 -6.90 -14.61 -18.14
C ASN B 51 -5.52 -15.23 -17.95
N LYS B 52 -5.35 -16.04 -16.92
CA LYS B 52 -4.01 -16.48 -16.56
C LYS B 52 -3.38 -17.35 -17.64
N ALA B 53 -4.21 -18.09 -18.38
CA ALA B 53 -3.70 -18.98 -19.44
C ALA B 53 -2.90 -18.20 -20.49
N GLN B 54 -3.27 -16.94 -20.68
CA GLN B 54 -2.65 -16.10 -21.69
C GLN B 54 -1.42 -15.38 -21.17
N PHE B 55 -1.10 -15.57 -19.89
CA PHE B 55 0.02 -14.86 -19.27
C PHE B 55 1.02 -15.81 -18.64
N GLU B 56 0.74 -17.10 -18.75
CA GLU B 56 1.64 -18.13 -18.23
C GLU B 56 2.60 -18.62 -19.31
N ASP C 7 26.00 12.14 8.74
CA ASP C 7 25.19 12.99 7.88
C ASP C 7 23.98 12.23 7.33
N LEU C 8 22.81 12.81 7.51
CA LEU C 8 21.55 12.11 7.22
C LEU C 8 21.30 11.88 5.73
N GLN C 9 21.64 12.86 4.91
CA GLN C 9 21.32 12.81 3.49
C GLN C 9 22.03 11.69 2.74
N SER C 10 23.09 11.14 3.34
CA SER C 10 23.88 10.11 2.68
C SER C 10 23.65 8.71 3.28
N LEU C 11 22.84 8.64 4.33
CA LEU C 11 22.49 7.34 4.90
C LEU C 11 21.68 6.52 3.91
N PRO C 12 21.81 5.18 3.98
CA PRO C 12 20.90 4.29 3.25
C PRO C 12 19.47 4.51 3.72
N THR C 13 18.51 4.31 2.82
CA THR C 13 17.09 4.50 3.09
C THR C 13 16.64 3.92 4.43
N ARG C 14 16.98 2.66 4.69
CA ARG C 14 16.49 1.99 5.87
C ARG C 14 17.02 2.66 7.14
N ALA C 15 18.33 2.94 7.17
CA ALA C 15 18.91 3.61 8.32
C ALA C 15 18.36 5.03 8.47
N TYR C 16 18.13 5.69 7.33
CA TYR C 16 17.59 7.04 7.36
C TYR C 16 16.21 7.04 8.02
N LEU C 17 15.34 6.15 7.54
CA LEU C 17 13.98 6.08 8.09
C LEU C 17 13.98 5.63 9.55
N ASP C 18 14.82 4.65 9.86
CA ASP C 18 14.88 4.08 11.21
C ASP C 18 15.23 5.13 12.25
N GLN C 19 16.01 6.13 11.83
CA GLN C 19 16.51 7.16 12.73
C GLN C 19 15.52 8.32 12.85
N THR C 20 14.79 8.61 11.77
CA THR C 20 14.00 9.85 11.73
C THR C 20 12.51 9.68 12.08
N VAL C 21 11.86 8.66 11.51
CA VAL C 21 10.38 8.56 11.67
C VAL C 21 9.85 7.21 12.17
N VAL C 22 10.63 6.15 12.03
CA VAL C 22 10.12 4.83 12.42
C VAL C 22 9.72 4.74 13.91
N PRO C 23 10.56 5.25 14.83
CA PRO C 23 10.15 5.15 16.23
C PRO C 23 8.82 5.85 16.55
N ILE C 24 8.62 7.10 16.12
CA ILE C 24 7.38 7.78 16.46
C ILE C 24 6.22 7.13 15.69
N LEU C 25 6.48 6.65 14.48
N LEU C 25 6.50 6.64 14.49
CA LEU C 25 5.44 5.98 13.71
CA LEU C 25 5.48 5.99 13.68
C LEU C 25 4.95 4.71 14.38
C LEU C 25 4.97 4.69 14.33
N LEU C 26 5.88 3.88 14.85
CA LEU C 26 5.48 2.64 15.54
C LEU C 26 4.66 2.93 16.79
N GLN C 27 5.11 3.92 17.55
CA GLN C 27 4.38 4.40 18.71
C GLN C 27 2.97 4.85 18.28
N GLY C 28 2.89 5.63 17.20
CA GLY C 28 1.61 6.11 16.71
C GLY C 28 0.68 5.02 16.20
N LEU C 29 1.22 4.03 15.50
CA LEU C 29 0.42 2.92 15.00
C LEU C 29 -0.15 2.08 16.14
N ALA C 30 0.61 1.97 17.23
CA ALA C 30 0.16 1.23 18.40
C ALA C 30 -1.03 1.90 19.03
N VAL C 31 -0.98 3.23 19.14
CA VAL C 31 -2.08 3.99 19.71
C VAL C 31 -3.29 3.93 18.79
N LEU C 32 -3.05 4.10 17.49
CA LEU C 32 -4.13 4.01 16.49
C LEU C 32 -4.88 2.69 16.60
N ALA C 33 -4.15 1.59 16.64
CA ALA C 33 -4.77 0.26 16.67
C ALA C 33 -5.56 0.04 17.96
N LYS C 34 -5.11 0.66 19.05
CA LYS C 34 -5.79 0.50 20.32
C LYS C 34 -7.07 1.32 20.33
N GLU C 35 -7.02 2.51 19.74
CA GLU C 35 -8.13 3.44 19.88
C GLU C 35 -9.12 3.34 18.73
N ARG C 36 -8.63 2.94 17.55
CA ARG C 36 -9.44 2.82 16.33
C ARG C 36 -10.38 4.02 16.09
N PRO C 37 -9.83 5.23 15.98
CA PRO C 37 -10.66 6.41 15.77
C PRO C 37 -11.32 6.42 14.39
N PRO C 38 -12.35 7.26 14.20
CA PRO C 38 -13.11 7.30 12.94
C PRO C 38 -12.33 7.83 11.71
N ASN C 39 -11.25 8.58 11.93
CA ASN C 39 -10.47 9.17 10.86
C ASN C 39 -9.01 8.80 11.05
N PRO C 40 -8.65 7.54 10.78
CA PRO C 40 -7.33 7.05 11.19
C PRO C 40 -6.15 7.79 10.55
N ILE C 41 -6.28 8.21 9.30
CA ILE C 41 -5.14 8.87 8.65
C ILE C 41 -4.92 10.23 9.29
N GLU C 42 -6.01 10.97 9.51
CA GLU C 42 -5.97 12.25 10.22
C GLU C 42 -5.43 12.10 11.63
N PHE C 43 -5.88 11.06 12.32
CA PHE C 43 -5.43 10.77 13.67
C PHE C 43 -3.92 10.55 13.69
N LEU C 44 -3.42 9.77 12.75
CA LEU C 44 -1.99 9.48 12.70
C LEU C 44 -1.15 10.73 12.39
N ALA C 45 -1.64 11.57 11.48
CA ALA C 45 -0.96 12.84 11.20
C ALA C 45 -0.91 13.73 12.43
N SER C 46 -2.03 13.85 13.14
CA SER C 46 -2.05 14.65 14.36
C SER C 46 -1.16 14.03 15.42
N TYR C 47 -1.12 12.70 15.48
CA TYR C 47 -0.27 12.03 16.48
C TYR C 47 1.17 12.42 16.25
N LEU C 48 1.60 12.38 14.99
CA LEU C 48 2.97 12.74 14.64
C LEU C 48 3.33 14.16 15.08
N LEU C 49 2.45 15.13 14.79
CA LEU C 49 2.74 16.52 15.16
C LEU C 49 2.66 16.76 16.66
N LYS C 50 1.75 16.07 17.33
CA LYS C 50 1.61 16.21 18.77
C LYS C 50 2.79 15.61 19.53
N ASN C 51 3.44 14.61 18.96
CA ASN C 51 4.50 13.94 19.70
C ASN C 51 5.90 14.14 19.14
N LYS C 52 6.02 14.96 18.10
N LYS C 52 6.02 14.95 18.10
CA LYS C 52 7.29 15.06 17.38
CA LYS C 52 7.29 15.06 17.38
C LYS C 52 8.40 15.61 18.28
C LYS C 52 8.40 15.61 18.28
N ALA C 53 8.04 16.48 19.22
CA ALA C 53 9.03 17.06 20.12
C ALA C 53 9.70 16.02 21.03
N GLN C 54 9.03 14.88 21.26
N GLN C 54 9.06 14.87 21.23
CA GLN C 54 9.65 13.76 21.98
CA GLN C 54 9.69 13.80 21.98
C GLN C 54 10.89 13.25 21.24
C GLN C 54 10.90 13.25 21.24
N PHE C 55 10.77 13.15 19.92
CA PHE C 55 11.78 12.45 19.12
C PHE C 55 12.76 13.35 18.37
N GLU C 56 12.49 14.66 18.38
CA GLU C 56 13.43 15.62 17.81
C GLU C 56 13.37 16.97 18.52
N ASP C 57 14.45 17.75 18.42
CA ASP C 57 14.48 19.07 19.04
C ASP C 57 14.56 20.19 17.99
N ARG C 58 13.79 20.01 16.91
CA ARG C 58 13.78 20.90 15.74
C ARG C 58 15.08 20.78 14.95
N ASP D 7 -17.47 -3.33 12.25
CA ASP D 7 -16.69 -3.91 11.16
C ASP D 7 -15.19 -3.69 11.36
N LEU D 8 -14.74 -2.47 11.10
CA LEU D 8 -13.31 -2.13 11.20
C LEU D 8 -12.78 -2.36 12.61
N GLN D 9 -13.58 -2.02 13.61
CA GLN D 9 -13.16 -2.13 15.01
C GLN D 9 -13.00 -3.59 15.46
N SER D 10 -13.55 -4.52 14.69
CA SER D 10 -13.49 -5.93 15.03
C SER D 10 -12.27 -6.61 14.41
N LEU D 11 -11.68 -5.96 13.41
CA LEU D 11 -10.53 -6.54 12.72
C LEU D 11 -9.34 -6.70 13.65
N PRO D 12 -8.53 -7.73 13.41
CA PRO D 12 -7.22 -7.86 14.07
C PRO D 12 -6.35 -6.64 13.74
N THR D 13 -5.40 -6.30 14.61
CA THR D 13 -4.52 -5.15 14.42
C THR D 13 -3.98 -5.06 13.01
N ARG D 14 -3.33 -6.15 12.56
CA ARG D 14 -2.63 -6.15 11.29
C ARG D 14 -3.57 -5.81 10.13
N ALA D 15 -4.74 -6.44 10.10
CA ALA D 15 -5.71 -6.18 9.04
C ALA D 15 -6.24 -4.74 9.12
N TYR D 16 -6.48 -4.27 10.34
CA TYR D 16 -6.98 -2.92 10.55
C TYR D 16 -6.00 -1.90 9.97
N LEU D 17 -4.74 -2.03 10.36
CA LEU D 17 -3.72 -1.07 9.92
C LEU D 17 -3.47 -1.18 8.41
N ASP D 18 -3.47 -2.42 7.90
CA ASP D 18 -3.20 -2.67 6.48
C ASP D 18 -4.24 -2.01 5.61
N GLN D 19 -5.45 -1.90 6.15
CA GLN D 19 -6.57 -1.37 5.38
C GLN D 19 -6.67 0.15 5.51
N THR D 20 -6.24 0.70 6.64
CA THR D 20 -6.48 2.12 6.89
C THR D 20 -5.30 3.05 6.59
N VAL D 21 -4.10 2.68 7.02
CA VAL D 21 -2.99 3.64 6.96
C VAL D 21 -1.70 3.08 6.32
N VAL D 22 -1.55 1.77 6.25
CA VAL D 22 -0.32 1.23 5.68
C VAL D 22 -0.07 1.67 4.22
N PRO D 23 -1.10 1.63 3.36
CA PRO D 23 -0.81 2.05 1.98
C PRO D 23 -0.33 3.50 1.86
N ILE D 24 -1.00 4.46 2.49
CA ILE D 24 -0.59 5.84 2.34
C ILE D 24 0.75 6.06 3.04
N LEU D 25 0.98 5.34 4.14
N LEU D 25 0.98 5.32 4.12
CA LEU D 25 2.25 5.45 4.85
CA LEU D 25 2.22 5.41 4.87
C LEU D 25 3.44 4.99 4.01
C LEU D 25 3.43 4.97 4.05
N LEU D 26 3.31 3.84 3.36
CA LEU D 26 4.42 3.33 2.52
C LEU D 26 4.74 4.29 1.38
N GLN D 27 3.68 4.82 0.77
CA GLN D 27 3.83 5.83 -0.25
C GLN D 27 4.57 7.05 0.30
N GLY D 28 4.16 7.51 1.49
CA GLY D 28 4.81 8.65 2.13
C GLY D 28 6.27 8.42 2.53
N LEU D 29 6.56 7.22 3.02
CA LEU D 29 7.93 6.89 3.40
C LEU D 29 8.86 6.86 2.19
N ALA D 30 8.33 6.44 1.05
CA ALA D 30 9.12 6.38 -0.18
C ALA D 30 9.46 7.78 -0.62
N VAL D 31 8.47 8.67 -0.55
CA VAL D 31 8.71 10.05 -0.94
C VAL D 31 9.70 10.69 0.04
N LEU D 32 9.50 10.43 1.33
CA LEU D 32 10.40 10.97 2.35
C LEU D 32 11.85 10.54 2.12
N ALA D 33 12.02 9.25 1.86
CA ALA D 33 13.35 8.69 1.65
C ALA D 33 14.04 9.31 0.43
N LYS D 34 13.26 9.69 -0.58
CA LYS D 34 13.86 10.26 -1.77
C LYS D 34 14.21 11.73 -1.58
N GLU D 35 13.33 12.46 -0.91
CA GLU D 35 13.51 13.90 -0.79
C GLU D 35 14.39 14.29 0.39
N ARG D 36 14.38 13.47 1.44
CA ARG D 36 15.12 13.77 2.69
C ARG D 36 15.01 15.23 3.13
N PRO D 37 13.78 15.68 3.43
CA PRO D 37 13.57 17.08 3.84
C PRO D 37 14.11 17.35 5.24
N PRO D 38 14.28 18.63 5.60
CA PRO D 38 14.85 19.01 6.90
C PRO D 38 14.03 18.61 8.12
N ASN D 39 12.71 18.53 7.98
CA ASN D 39 11.82 18.22 9.10
C ASN D 39 11.01 16.99 8.77
N PRO D 40 11.64 15.81 8.81
CA PRO D 40 10.99 14.61 8.26
C PRO D 40 9.68 14.22 8.94
N ILE D 41 9.56 14.41 10.26
CA ILE D 41 8.32 14.01 10.92
C ILE D 41 7.20 14.95 10.47
N GLU D 42 7.51 16.24 10.42
CA GLU D 42 6.53 17.23 9.91
C GLU D 42 6.16 16.93 8.47
N PHE D 43 7.15 16.58 7.67
CA PHE D 43 6.93 16.28 6.26
C PHE D 43 5.94 15.13 6.08
N LEU D 44 6.14 14.08 6.87
CA LEU D 44 5.29 12.90 6.81
C LEU D 44 3.86 13.19 7.26
N ALA D 45 3.72 13.96 8.34
CA ALA D 45 2.37 14.38 8.75
C ALA D 45 1.68 15.16 7.64
N SER D 46 2.40 16.10 7.03
CA SER D 46 1.81 16.88 5.93
C SER D 46 1.49 15.98 4.76
N TYR D 47 2.37 15.01 4.51
CA TYR D 47 2.15 14.11 3.39
C TYR D 47 0.81 13.38 3.57
N LEU D 48 0.58 12.86 4.76
CA LEU D 48 -0.64 12.13 5.07
C LEU D 48 -1.88 12.99 4.81
N LEU D 49 -1.87 14.22 5.29
CA LEU D 49 -3.03 15.10 5.13
C LEU D 49 -3.24 15.53 3.68
N LYS D 50 -2.15 15.73 2.96
CA LYS D 50 -2.23 16.18 1.58
C LYS D 50 -2.72 15.06 0.66
N ASN D 51 -2.52 13.81 1.07
CA ASN D 51 -2.86 12.70 0.19
C ASN D 51 -3.99 11.79 0.71
N LYS D 52 -4.57 12.14 1.85
N LYS D 52 -4.57 12.14 1.85
CA LYS D 52 -5.54 11.26 2.49
CA LYS D 52 -5.54 11.26 2.49
C LYS D 52 -6.75 11.05 1.59
C LYS D 52 -6.75 11.06 1.60
N ALA D 53 -7.09 12.05 0.79
CA ALA D 53 -8.25 11.96 -0.11
C ALA D 53 -8.11 10.85 -1.15
N GLN D 54 -6.88 10.49 -1.51
N GLN D 54 -6.89 10.48 -1.49
CA GLN D 54 -6.65 9.38 -2.43
CA GLN D 54 -6.67 9.38 -2.42
C GLN D 54 -7.14 8.06 -1.83
C GLN D 54 -7.10 8.05 -1.83
N PHE D 55 -6.94 7.91 -0.53
CA PHE D 55 -7.13 6.62 0.13
C PHE D 55 -8.42 6.48 0.92
N GLU D 56 -9.10 7.59 1.15
CA GLU D 56 -10.41 7.57 1.81
C GLU D 56 -11.29 8.73 1.32
N ASP D 57 -12.60 8.61 1.49
CA ASP D 57 -13.49 9.72 1.10
C ASP D 57 -14.06 10.51 2.28
N ARG D 58 -13.17 10.92 3.18
CA ARG D 58 -13.45 11.93 4.22
C ARG D 58 -14.79 11.77 4.93
N LEU E 6 7.12 -3.24 6.76
CA LEU E 6 7.65 -4.27 5.89
C LEU E 6 8.45 -3.65 4.73
N TYR E 7 9.33 -4.45 4.14
CA TYR E 7 10.24 -3.93 3.12
C TYR E 7 9.83 -4.31 1.69
N LYS E 8 9.43 -5.55 1.47
CA LYS E 8 8.92 -5.90 0.14
C LYS E 8 7.56 -5.25 -0.06
N GLU E 9 6.97 -4.78 1.04
CA GLU E 9 5.77 -3.97 0.97
C GLU E 9 6.11 -2.61 0.37
N GLN E 10 7.33 -2.13 0.63
CA GLN E 10 7.81 -0.90 0.01
C GLN E 10 7.97 -1.09 -1.49
N ILE E 11 8.28 -2.32 -1.90
CA ILE E 11 8.58 -2.63 -3.31
C ILE E 11 7.26 -2.99 -4.02
N ALA E 12 6.31 -3.52 -3.26
CA ALA E 12 4.98 -3.76 -3.78
C ALA E 12 4.33 -2.40 -3.92
N GLU E 13 4.76 -1.49 -3.05
CA GLU E 13 4.33 -0.11 -3.05
C GLU E 13 4.75 0.55 -4.37
N ASP E 14 6.07 0.59 -4.58
CA ASP E 14 6.66 1.00 -5.84
C ASP E 14 5.88 0.49 -7.04
N ILE E 15 5.71 -0.83 -7.09
CA ILE E 15 5.05 -1.53 -8.21
C ILE E 15 3.63 -1.05 -8.48
N VAL E 16 2.81 -1.01 -7.45
CA VAL E 16 1.43 -0.59 -7.62
C VAL E 16 1.38 0.86 -8.09
N TRP E 17 2.23 1.68 -7.50
CA TRP E 17 2.27 3.09 -7.87
C TRP E 17 2.66 3.31 -9.34
N ASP E 18 3.71 2.63 -9.80
CA ASP E 18 4.10 2.61 -11.20
C ASP E 18 2.92 2.32 -12.12
N ILE E 19 2.38 1.11 -11.98
CA ILE E 19 1.15 0.69 -12.66
C ILE E 19 0.07 1.77 -12.80
N ILE E 20 -0.29 2.38 -11.68
CA ILE E 20 -1.38 3.35 -11.65
C ILE E 20 -0.98 4.59 -12.44
N ASP E 21 0.20 5.11 -12.13
CA ASP E 21 0.77 6.23 -12.86
C ASP E 21 0.86 5.95 -14.35
N GLU E 22 1.10 4.68 -14.69
CA GLU E 22 1.20 4.29 -16.08
C GLU E 22 -0.18 4.27 -16.72
N LEU E 23 -1.20 3.99 -15.92
CA LEU E 23 -2.58 4.03 -16.39
C LEU E 23 -3.05 5.47 -16.55
N GLU E 24 -2.43 6.37 -15.79
CA GLU E 24 -2.69 7.80 -15.92
C GLU E 24 -2.44 8.28 -17.34
N GLN E 25 -1.50 7.62 -18.02
CA GLN E 25 -1.15 7.98 -19.40
C GLN E 25 -1.71 6.98 -20.42
N ILE E 26 -2.08 5.79 -19.96
CA ILE E 26 -2.58 4.71 -20.82
C ILE E 26 -1.63 4.46 -21.99
#